data_2AUA
#
_entry.id   2AUA
#
_cell.length_a   72.222
_cell.length_b   76.640
_cell.length_c   107.503
_cell.angle_alpha   90.00
_cell.angle_beta   90.00
_cell.angle_gamma   90.00
#
_symmetry.space_group_name_H-M   'P 21 21 21'
#
loop_
_entity.id
_entity.type
_entity.pdbx_description
1 polymer 'hypothetical protein'
2 water water
#
_entity_poly.entity_id   1
_entity_poly.type   'polypeptide(L)'
_entity_poly.pdbx_seq_one_letter_code
;(MSE)HHHHHHSSGVDLGTENLYFQSNA(MSE)NETEFYAYHIVTRKK(MSE)HIGQ(MSE)IPFNKNQHNTLYHFFFER
EQLNANGEDGIQILNNHYKNDELHINNENAKVVISY(MSE)DQTIRAARETIVE(MSE)VRLQEFPEYPSRLSCLYAAKS
YEDALKWKALFDSYNREVLQIVKLRVIGSSFEGDGNLLPKEDGIPFSQKIEQARKYWKGNIRNELPELLINGEIEVVEII
DDFSSIHI
;
_entity_poly.pdbx_strand_id   A,B
#
# COMPACT_ATOMS: atom_id res chain seq x y z
N LEU A 13 -20.16 -12.85 -35.11
CA LEU A 13 -20.13 -11.53 -35.84
C LEU A 13 -21.43 -10.72 -35.78
N GLY A 14 -21.33 -9.43 -36.05
CA GLY A 14 -22.44 -8.49 -35.91
C GLY A 14 -22.81 -8.39 -34.44
N THR A 15 -22.02 -9.07 -33.62
CA THR A 15 -22.29 -9.27 -32.19
C THR A 15 -21.52 -8.24 -31.33
N GLU A 16 -21.89 -8.11 -30.06
CA GLU A 16 -21.29 -7.07 -29.22
C GLU A 16 -20.23 -7.48 -28.20
N ASN A 17 -20.58 -8.32 -27.23
CA ASN A 17 -19.56 -8.84 -26.32
C ASN A 17 -18.89 -10.10 -26.86
N LEU A 18 -17.83 -9.89 -27.64
CA LEU A 18 -17.04 -10.97 -28.22
C LEU A 18 -16.10 -11.61 -27.19
N TYR A 19 -15.68 -10.82 -26.20
CA TYR A 19 -14.71 -11.31 -25.20
C TYR A 19 -14.98 -10.74 -23.81
N ASN A 26 -5.22 -17.92 -18.78
CA ASN A 26 -5.57 -16.90 -17.78
C ASN A 26 -6.29 -17.55 -16.59
N GLU A 27 -7.14 -18.53 -16.90
CA GLU A 27 -7.80 -19.34 -15.90
C GLU A 27 -7.66 -20.80 -16.27
N THR A 28 -6.96 -21.55 -15.42
CA THR A 28 -6.76 -22.96 -15.66
C THR A 28 -7.50 -23.84 -14.67
N GLU A 29 -7.58 -25.11 -15.02
CA GLU A 29 -8.19 -26.12 -14.19
C GLU A 29 -7.07 -26.84 -13.47
N PHE A 30 -7.21 -26.99 -12.16
CA PHE A 30 -6.19 -27.71 -11.40
C PHE A 30 -6.71 -28.13 -10.02
N TYR A 31 -6.05 -29.10 -9.41
CA TYR A 31 -6.36 -29.48 -8.04
C TYR A 31 -5.45 -28.80 -6.99
N ALA A 32 -5.99 -28.61 -5.79
CA ALA A 32 -5.19 -28.14 -4.66
C ALA A 32 -5.73 -28.77 -3.39
N TYR A 33 -4.96 -28.68 -2.31
CA TYR A 33 -5.32 -29.28 -1.03
C TYR A 33 -5.42 -28.19 0.02
N HIS A 34 -6.43 -28.30 0.88
CA HIS A 34 -6.74 -27.24 1.82
C HIS A 34 -7.03 -27.83 3.18
N ILE A 35 -6.44 -27.21 4.20
CA ILE A 35 -6.62 -27.58 5.60
C ILE A 35 -7.76 -26.74 6.15
N VAL A 36 -8.81 -27.41 6.58
CA VAL A 36 -9.98 -26.73 7.15
C VAL A 36 -9.81 -26.55 8.67
N THR A 37 -10.00 -25.32 9.14
CA THR A 37 -9.92 -25.04 10.58
C THR A 37 -11.19 -24.37 11.13
N ARG A 38 -11.74 -23.43 10.37
CA ARG A 38 -12.88 -22.61 10.79
C ARG A 38 -14.17 -23.44 10.89
N LYS A 39 -14.75 -23.79 9.74
CA LYS A 39 -16.00 -24.54 9.69
C LYS A 39 -15.95 -25.65 8.65
N LYS A 40 -16.43 -26.84 9.03
CA LYS A 40 -16.40 -28.02 8.16
C LYS A 40 -17.01 -27.83 6.77
N MSE A 41 -16.28 -28.28 5.77
CA MSE A 41 -16.75 -28.19 4.39
C MSE A 41 -17.38 -29.52 3.94
O MSE A 41 -17.08 -30.57 4.50
CB MSE A 41 -15.58 -27.81 3.46
CG MSE A 41 -14.87 -26.55 3.87
SE MSE A 41 -13.47 -26.00 2.62
CE MSE A 41 -12.69 -24.48 3.67
N HIS A 42 -18.26 -29.42 2.96
CA HIS A 42 -18.91 -30.59 2.36
C HIS A 42 -18.54 -30.68 0.89
N ILE A 43 -18.54 -31.89 0.34
CA ILE A 43 -18.26 -32.09 -1.08
C ILE A 43 -19.29 -31.37 -1.95
N GLY A 44 -18.80 -30.63 -2.94
CA GLY A 44 -19.65 -29.90 -3.86
C GLY A 44 -19.78 -28.44 -3.48
N GLN A 45 -19.11 -28.05 -2.40
CA GLN A 45 -19.18 -26.69 -1.89
C GLN A 45 -18.35 -25.74 -2.74
N MSE A 46 -18.93 -24.58 -3.03
CA MSE A 46 -18.28 -23.56 -3.83
C MSE A 46 -17.64 -22.46 -2.97
O MSE A 46 -18.23 -22.02 -1.98
CB MSE A 46 -19.28 -22.95 -4.83
CG MSE A 46 -19.86 -23.92 -5.87
SE MSE A 46 -18.51 -24.81 -7.02
CE MSE A 46 -17.67 -23.24 -7.90
N ILE A 47 -16.44 -22.03 -3.34
CA ILE A 47 -15.75 -20.96 -2.63
C ILE A 47 -15.28 -19.92 -3.65
N PRO A 48 -16.02 -18.82 -3.76
CA PRO A 48 -15.78 -17.85 -4.81
C PRO A 48 -14.75 -16.79 -4.47
N PHE A 49 -13.67 -16.76 -5.26
CA PHE A 49 -12.68 -15.70 -5.21
C PHE A 49 -12.42 -15.26 -6.64
N ASN A 50 -13.50 -14.93 -7.37
CA ASN A 50 -13.41 -14.50 -8.76
C ASN A 50 -13.79 -13.03 -8.95
N LYS A 51 -14.40 -12.46 -7.93
CA LYS A 51 -14.85 -11.07 -8.00
C LYS A 51 -14.25 -10.21 -6.88
N ASN A 52 -12.99 -10.51 -6.57
CA ASN A 52 -12.22 -9.74 -5.60
C ASN A 52 -12.80 -9.78 -4.18
N GLN A 53 -13.46 -10.90 -3.84
CA GLN A 53 -14.04 -11.07 -2.50
C GLN A 53 -12.92 -10.97 -1.46
N HIS A 54 -13.19 -10.24 -0.38
CA HIS A 54 -12.22 -10.16 0.71
C HIS A 54 -12.19 -11.48 1.49
N ASN A 55 -11.00 -11.87 1.93
CA ASN A 55 -10.86 -13.05 2.76
C ASN A 55 -10.72 -12.71 4.27
N THR A 56 -10.56 -13.76 5.07
CA THR A 56 -10.41 -13.63 6.51
C THR A 56 -9.20 -12.81 6.88
N LEU A 57 -8.11 -12.94 6.13
CA LEU A 57 -6.91 -12.17 6.38
C LEU A 57 -7.17 -10.65 6.22
N TYR A 58 -7.88 -10.29 5.15
CA TYR A 58 -8.29 -8.91 4.98
C TYR A 58 -9.17 -8.36 6.12
N HIS A 59 -10.23 -9.07 6.47
CA HIS A 59 -11.10 -8.62 7.57
C HIS A 59 -10.30 -8.40 8.85
N PHE A 60 -9.35 -9.31 9.12
CA PHE A 60 -8.57 -9.28 10.36
C PHE A 60 -7.57 -8.14 10.47
N PHE A 61 -6.81 -7.88 9.42
CA PHE A 61 -5.80 -6.84 9.49
C PHE A 61 -6.29 -5.48 9.01
N PHE A 62 -7.31 -5.45 8.16
CA PHE A 62 -7.85 -4.18 7.60
C PHE A 62 -9.11 -3.62 8.28
N GLU A 63 -9.95 -4.47 8.85
CA GLU A 63 -11.21 -3.98 9.39
C GLU A 63 -11.29 -3.87 10.90
N ARG A 64 -10.72 -4.82 11.61
CA ARG A 64 -10.82 -4.79 13.06
CA ARG A 64 -10.76 -4.83 13.08
C ARG A 64 -9.92 -3.71 13.64
N GLU A 65 -10.19 -3.34 14.89
CA GLU A 65 -9.36 -2.40 15.62
C GLU A 65 -9.63 -2.59 17.09
N GLN A 66 -8.73 -2.05 17.93
CA GLN A 66 -8.87 -2.07 19.37
C GLN A 66 -8.80 -0.62 19.85
N LEU A 67 -9.67 -0.25 20.77
CA LEU A 67 -9.68 1.11 21.27
C LEU A 67 -9.65 1.00 22.77
N ASN A 68 -9.18 2.03 23.45
CA ASN A 68 -9.28 1.99 24.92
C ASN A 68 -10.73 2.28 25.32
N ALA A 69 -11.01 2.27 26.62
CA ALA A 69 -12.36 2.53 27.15
C ALA A 69 -12.98 3.88 26.75
N ASN A 70 -12.14 4.84 26.36
CA ASN A 70 -12.61 6.17 25.97
C ASN A 70 -12.82 6.31 24.47
N GLY A 71 -12.54 5.22 23.74
CA GLY A 71 -12.71 5.15 22.29
C GLY A 71 -11.53 5.68 21.51
N GLU A 72 -10.36 5.68 22.13
CA GLU A 72 -9.17 6.19 21.45
C GLU A 72 -8.34 5.05 20.86
N ASP A 73 -7.74 5.30 19.70
CA ASP A 73 -6.88 4.31 19.07
C ASP A 73 -5.42 4.56 19.44
N GLY A 74 -4.54 3.64 19.03
CA GLY A 74 -3.11 3.74 19.35
C GLY A 74 -2.46 5.06 19.01
N ILE A 75 -2.76 5.61 17.83
CA ILE A 75 -2.19 6.88 17.38
C ILE A 75 -2.61 7.99 18.32
N GLN A 76 -3.89 8.01 18.67
CA GLN A 76 -4.47 9.05 19.54
C GLN A 76 -3.87 8.99 20.93
N ILE A 77 -3.78 7.79 21.49
CA ILE A 77 -3.15 7.56 22.80
C ILE A 77 -1.67 7.96 22.84
N LEU A 78 -0.89 7.56 21.83
CA LEU A 78 0.53 7.94 21.76
C LEU A 78 0.74 9.45 21.74
N ASN A 79 -0.05 10.14 20.93
CA ASN A 79 0.05 11.59 20.83
C ASN A 79 -0.48 12.34 22.06
N ASN A 80 -1.49 11.78 22.73
CA ASN A 80 -1.99 12.37 23.98
C ASN A 80 -0.98 12.27 25.09
N HIS A 81 -0.11 11.27 25.01
CA HIS A 81 0.82 10.98 26.09
C HIS A 81 2.25 11.46 25.85
N TYR A 82 2.55 11.86 24.62
CA TYR A 82 3.88 12.35 24.33
C TYR A 82 3.96 13.80 24.75
N LYS A 83 4.54 14.03 25.91
CA LYS A 83 4.65 15.36 26.47
C LYS A 83 5.88 15.41 27.33
N ASN A 84 6.60 16.53 27.25
CA ASN A 84 7.87 16.70 27.95
C ASN A 84 8.86 15.65 27.47
N ASP A 85 8.88 15.47 26.15
CA ASP A 85 9.66 14.45 25.46
CA ASP A 85 9.71 14.47 25.46
C ASP A 85 9.81 13.12 26.18
N GLU A 86 8.73 12.72 26.84
CA GLU A 86 8.65 11.49 27.58
C GLU A 86 7.37 10.80 27.18
N LEU A 87 7.37 9.48 27.18
CA LEU A 87 6.18 8.70 26.85
C LEU A 87 5.93 7.64 27.93
N HIS A 88 5.03 7.94 28.87
CA HIS A 88 4.68 7.03 29.95
CA HIS A 88 4.67 7.04 29.96
C HIS A 88 3.23 6.56 29.81
N ILE A 89 3.07 5.36 29.29
CA ILE A 89 1.75 4.77 29.08
C ILE A 89 1.63 3.52 29.92
N ASN A 90 0.42 3.23 30.40
CA ASN A 90 0.20 2.09 31.28
C ASN A 90 -1.06 1.31 30.98
N ASN A 91 -1.08 0.06 31.44
CA ASN A 91 -2.27 -0.78 31.46
C ASN A 91 -2.99 -0.90 30.12
N GLU A 92 -4.29 -0.59 30.10
CA GLU A 92 -5.03 -0.66 28.85
C GLU A 92 -4.46 0.25 27.75
N ASN A 93 -4.07 1.48 28.11
CA ASN A 93 -3.48 2.39 27.13
C ASN A 93 -2.25 1.83 26.40
N ALA A 94 -1.29 1.26 27.15
CA ALA A 94 -0.12 0.57 26.59
C ALA A 94 -0.54 -0.63 25.74
N LYS A 95 -1.51 -1.39 26.24
CA LYS A 95 -2.03 -2.54 25.51
C LYS A 95 -2.60 -2.15 24.16
N VAL A 96 -3.35 -1.04 24.12
CA VAL A 96 -3.95 -0.56 22.88
C VAL A 96 -2.87 -0.05 21.92
N VAL A 97 -1.87 0.65 22.45
CA VAL A 97 -0.80 1.14 21.59
C VAL A 97 -0.02 -0.01 20.93
N ILE A 98 0.31 -1.05 21.69
CA ILE A 98 1.09 -2.16 21.17
C ILE A 98 0.27 -2.96 20.15
N SER A 99 -0.99 -3.24 20.50
CA SER A 99 -1.87 -3.99 19.60
C SER A 99 -2.04 -3.20 18.34
N TYR A 100 -2.20 -1.89 18.47
CA TYR A 100 -2.34 -1.06 17.28
C TYR A 100 -1.11 -1.18 16.37
N MSE A 101 0.07 -1.02 16.96
CA MSE A 101 1.33 -1.18 16.23
C MSE A 101 1.47 -2.57 15.56
O MSE A 101 1.83 -2.64 14.39
CB MSE A 101 2.53 -0.92 17.13
CG MSE A 101 3.85 -0.77 16.38
SE MSE A 101 3.79 0.88 15.23
CE MSE A 101 3.18 2.09 16.70
N ASP A 102 1.23 -3.65 16.31
CA ASP A 102 1.26 -5.00 15.73
C ASP A 102 0.29 -5.17 14.54
N GLN A 103 -0.93 -4.68 14.69
CA GLN A 103 -1.90 -4.81 13.61
C GLN A 103 -1.50 -4.01 12.38
N THR A 104 -1.05 -2.78 12.61
CA THR A 104 -0.76 -1.86 11.53
C THR A 104 0.49 -2.24 10.72
N ILE A 105 1.51 -2.75 11.40
CA ILE A 105 2.69 -3.19 10.68
C ILE A 105 2.36 -4.38 9.79
N ARG A 106 1.44 -5.21 10.28
CA ARG A 106 0.95 -6.36 9.52
C ARG A 106 0.03 -5.93 8.40
N ALA A 107 -0.83 -4.92 8.63
CA ALA A 107 -1.64 -4.37 7.55
C ALA A 107 -0.78 -3.71 6.47
N ALA A 108 0.26 -2.97 6.90
CA ALA A 108 1.18 -2.33 5.98
C ALA A 108 1.87 -3.37 5.11
N ARG A 109 2.25 -4.48 5.72
CA ARG A 109 2.84 -5.59 4.99
C ARG A 109 1.98 -6.03 3.82
N GLU A 110 0.72 -6.38 4.10
CA GLU A 110 -0.22 -6.80 3.09
C GLU A 110 -0.51 -5.73 2.04
N THR A 111 -0.55 -4.45 2.46
CA THR A 111 -0.80 -3.33 1.55
C THR A 111 0.38 -3.11 0.57
N ILE A 112 1.61 -3.16 1.07
CA ILE A 112 2.81 -3.07 0.25
C ILE A 112 2.92 -4.24 -0.74
N VAL A 113 2.72 -5.45 -0.23
CA VAL A 113 2.70 -6.65 -1.07
C VAL A 113 1.62 -6.58 -2.16
N GLU A 114 0.45 -6.05 -1.83
CA GLU A 114 -0.64 -5.94 -2.77
C GLU A 114 -0.32 -4.88 -3.81
N MSE A 115 0.24 -3.76 -3.35
CA MSE A 115 0.68 -2.73 -4.26
C MSE A 115 1.73 -3.26 -5.26
O MSE A 115 1.66 -2.96 -6.45
CB MSE A 115 1.22 -1.52 -3.49
CG MSE A 115 1.65 -0.35 -4.36
SE MSE A 115 2.82 0.91 -3.37
CE MSE A 115 4.27 -0.38 -2.97
N VAL A 116 2.70 -4.04 -4.77
CA VAL A 116 3.71 -4.63 -5.65
C VAL A 116 3.09 -5.60 -6.69
N ARG A 117 2.13 -6.40 -6.26
CA ARG A 117 1.45 -7.32 -7.15
C ARG A 117 0.74 -6.54 -8.24
N LEU A 118 0.06 -5.46 -7.87
CA LEU A 118 -0.63 -4.66 -8.89
C LEU A 118 0.33 -4.01 -9.89
N GLN A 119 1.52 -3.62 -9.43
CA GLN A 119 2.54 -3.04 -10.28
C GLN A 119 3.23 -4.02 -11.23
N GLU A 120 3.62 -5.18 -10.72
CA GLU A 120 4.54 -6.04 -11.47
C GLU A 120 4.07 -7.47 -11.64
N PHE A 121 3.08 -7.90 -10.87
CA PHE A 121 2.60 -9.29 -10.96
C PHE A 121 1.08 -9.39 -10.96
N PRO A 122 0.42 -8.56 -11.79
CA PRO A 122 -1.05 -8.49 -11.80
C PRO A 122 -1.75 -9.80 -12.16
N GLU A 123 -1.01 -10.76 -12.69
CA GLU A 123 -1.57 -12.07 -13.03
C GLU A 123 -1.81 -12.99 -11.83
N TYR A 124 -1.18 -12.74 -10.70
CA TYR A 124 -1.31 -13.65 -9.57
C TYR A 124 -2.49 -13.29 -8.69
N PRO A 125 -3.01 -14.28 -7.94
CA PRO A 125 -4.08 -14.02 -6.97
C PRO A 125 -3.59 -13.03 -5.91
N SER A 126 -4.51 -12.18 -5.46
CA SER A 126 -4.24 -11.27 -4.36
C SER A 126 -4.26 -12.04 -3.05
N ARG A 127 -3.32 -11.73 -2.14
CA ARG A 127 -3.31 -12.34 -0.80
C ARG A 127 -4.52 -11.90 0.05
N LEU A 128 -5.23 -10.89 -0.44
CA LEU A 128 -6.41 -10.32 0.22
C LEU A 128 -7.70 -10.90 -0.37
N SER A 129 -7.58 -11.68 -1.42
CA SER A 129 -8.77 -12.16 -2.12
C SER A 129 -8.46 -13.55 -2.68
N CYS A 130 -8.10 -14.44 -1.77
CA CYS A 130 -7.73 -15.78 -2.16
C CYS A 130 -7.97 -16.77 -1.02
N LEU A 131 -7.90 -18.04 -1.40
CA LEU A 131 -7.87 -19.12 -0.44
C LEU A 131 -6.41 -19.59 -0.34
N TYR A 132 -5.97 -19.94 0.86
CA TYR A 132 -4.63 -20.49 1.08
C TYR A 132 -4.65 -22.00 1.10
N ALA A 133 -3.80 -22.61 0.27
CA ALA A 133 -3.84 -24.06 0.09
C ALA A 133 -2.45 -24.62 -0.11
N ALA A 134 -2.38 -25.94 -0.31
CA ALA A 134 -1.12 -26.60 -0.56
C ALA A 134 -1.18 -27.24 -1.94
N LYS A 135 -0.01 -27.40 -2.56
CA LYS A 135 0.10 -27.94 -3.91
C LYS A 135 -0.19 -29.44 -3.98
N SER A 136 0.05 -30.15 -2.88
CA SER A 136 -0.20 -31.58 -2.88
C SER A 136 -0.68 -32.05 -1.50
N TYR A 137 -1.14 -33.30 -1.44
CA TYR A 137 -1.58 -33.91 -0.20
C TYR A 137 -0.41 -34.03 0.77
N GLU A 138 0.74 -34.44 0.25
CA GLU A 138 1.96 -34.52 1.04
C GLU A 138 2.25 -33.17 1.71
N ASP A 139 2.12 -32.10 0.95
CA ASP A 139 2.34 -30.75 1.47
C ASP A 139 1.29 -30.35 2.50
N ALA A 140 0.04 -30.74 2.27
CA ALA A 140 -1.03 -30.50 3.21
C ALA A 140 -0.71 -31.18 4.55
N LEU A 141 -0.15 -32.38 4.47
CA LEU A 141 0.25 -33.17 5.64
C LEU A 141 1.38 -32.51 6.43
N LYS A 142 2.32 -31.90 5.72
CA LYS A 142 3.41 -31.14 6.33
C LYS A 142 2.87 -29.87 7.00
N TRP A 143 1.94 -29.20 6.34
CA TRP A 143 1.33 -28.01 6.94
C TRP A 143 0.56 -28.41 8.21
N LYS A 144 -0.12 -29.55 8.13
CA LYS A 144 -0.89 -30.10 9.24
C LYS A 144 0.02 -30.39 10.44
N ALA A 145 1.21 -30.93 10.16
CA ALA A 145 2.17 -31.23 11.22
C ALA A 145 2.65 -29.96 11.93
N LEU A 146 2.64 -28.84 11.22
CA LEU A 146 3.05 -27.56 11.81
C LEU A 146 1.93 -26.97 12.68
N PHE A 147 0.71 -26.99 12.16
CA PHE A 147 -0.48 -26.57 12.92
C PHE A 147 -0.56 -27.33 14.23
N ASP A 148 -0.34 -28.65 14.17
CA ASP A 148 -0.38 -29.51 15.36
C ASP A 148 0.68 -29.15 16.38
N SER A 149 1.91 -28.89 15.91
CA SER A 149 2.99 -28.53 16.84
C SER A 149 2.73 -27.16 17.46
N TYR A 150 1.76 -26.43 16.90
CA TYR A 150 1.32 -25.14 17.43
C TYR A 150 -0.03 -25.22 18.16
N ASN A 151 -0.60 -26.43 18.22
CA ASN A 151 -1.92 -26.64 18.83
C ASN A 151 -3.06 -25.95 18.09
N ARG A 152 -2.88 -25.79 16.79
CA ARG A 152 -3.93 -25.23 15.93
C ARG A 152 -4.87 -26.35 15.49
N GLU A 153 -6.14 -26.23 15.87
CA GLU A 153 -7.17 -27.23 15.54
C GLU A 153 -7.35 -27.34 14.03
N VAL A 154 -7.37 -28.57 13.54
CA VAL A 154 -7.59 -28.89 12.14
C VAL A 154 -8.81 -29.81 12.06
N LEU A 155 -9.80 -29.42 11.26
CA LEU A 155 -11.03 -30.21 11.18
C LEU A 155 -10.97 -31.25 10.06
N GLN A 156 -10.42 -30.84 8.92
CA GLN A 156 -10.29 -31.75 7.78
C GLN A 156 -9.04 -31.43 6.97
N ILE A 157 -8.67 -32.34 6.07
CA ILE A 157 -7.93 -31.97 4.87
C ILE A 157 -8.72 -32.34 3.60
N VAL A 158 -8.84 -31.37 2.70
CA VAL A 158 -9.79 -31.49 1.59
C VAL A 158 -9.11 -31.27 0.25
N LYS A 159 -9.67 -31.88 -0.79
CA LYS A 159 -9.15 -31.71 -2.13
C LYS A 159 -10.11 -30.77 -2.84
N LEU A 160 -9.54 -29.85 -3.60
CA LEU A 160 -10.30 -28.82 -4.28
C LEU A 160 -10.01 -28.90 -5.76
N ARG A 161 -11.04 -28.62 -6.55
CA ARG A 161 -10.82 -28.42 -7.97
C ARG A 161 -11.03 -26.94 -8.24
N VAL A 162 -10.04 -26.34 -8.88
CA VAL A 162 -10.04 -24.93 -9.13
C VAL A 162 -10.12 -24.60 -10.63
N ILE A 163 -10.91 -23.58 -10.95
CA ILE A 163 -10.90 -22.96 -12.27
C ILE A 163 -10.56 -21.51 -12.00
N GLY A 164 -9.29 -21.19 -12.19
CA GLY A 164 -8.81 -19.86 -11.88
C GLY A 164 -7.30 -19.83 -11.93
N SER A 165 -6.68 -19.24 -10.92
CA SER A 165 -5.23 -19.15 -10.90
C SER A 165 -4.60 -19.40 -9.54
N SER A 166 -3.29 -19.62 -9.55
CA SER A 166 -2.56 -19.90 -8.34
C SER A 166 -1.21 -19.21 -8.33
N PHE A 167 -0.65 -19.06 -7.12
CA PHE A 167 0.72 -18.62 -6.94
C PHE A 167 1.31 -19.40 -5.79
N GLU A 168 2.45 -20.04 -6.03
CA GLU A 168 3.23 -20.71 -4.98
C GLU A 168 4.18 -19.74 -4.33
N GLY A 169 3.93 -19.41 -3.07
CA GLY A 169 4.74 -18.43 -2.40
C GLY A 169 5.53 -18.97 -1.22
N ASP A 170 6.61 -18.27 -0.90
CA ASP A 170 7.39 -18.56 0.27
C ASP A 170 7.17 -17.43 1.27
N GLY A 171 6.35 -17.72 2.29
CA GLY A 171 6.06 -16.80 3.39
C GLY A 171 7.27 -16.17 4.00
N ASN A 172 8.39 -16.88 3.97
CA ASN A 172 9.68 -16.41 4.49
CA ASN A 172 9.64 -16.37 4.52
C ASN A 172 10.16 -15.16 3.76
N LEU A 173 9.69 -14.98 2.51
CA LEU A 173 10.12 -13.84 1.68
C LEU A 173 9.30 -12.56 1.86
N LEU A 174 8.16 -12.68 2.53
CA LEU A 174 7.35 -11.51 2.85
C LEU A 174 8.10 -10.56 3.77
N PRO A 175 7.78 -9.26 3.68
CA PRO A 175 8.26 -8.26 4.63
C PRO A 175 7.95 -8.73 6.06
N LYS A 176 8.76 -8.26 7.02
CA LYS A 176 8.66 -8.72 8.40
C LYS A 176 7.90 -7.69 9.21
N GLU A 177 7.70 -7.99 10.49
CA GLU A 177 6.99 -7.13 11.38
C GLU A 177 7.99 -6.23 12.12
N ASP A 178 8.99 -5.75 11.39
CA ASP A 178 10.01 -4.87 11.93
C ASP A 178 9.78 -3.47 11.37
N GLY A 179 10.52 -2.50 11.87
CA GLY A 179 10.30 -1.12 11.45
C GLY A 179 11.22 -0.61 10.37
N ILE A 180 11.65 -1.46 9.44
CA ILE A 180 12.53 -0.97 8.38
C ILE A 180 11.74 -0.09 7.40
N PRO A 181 12.46 0.74 6.63
CA PRO A 181 11.83 1.61 5.63
C PRO A 181 10.93 0.86 4.65
N PHE A 182 9.80 1.47 4.31
CA PHE A 182 8.86 0.91 3.34
C PHE A 182 9.52 0.55 2.00
N SER A 183 10.48 1.35 1.55
CA SER A 183 11.18 1.03 0.29
C SER A 183 11.92 -0.31 0.37
N GLN A 184 12.45 -0.62 1.54
CA GLN A 184 13.08 -1.94 1.73
C GLN A 184 12.01 -3.03 1.81
N LYS A 185 10.84 -2.72 2.36
CA LYS A 185 9.75 -3.70 2.42
C LYS A 185 9.21 -4.02 1.04
N ILE A 186 9.21 -3.01 0.16
CA ILE A 186 8.86 -3.14 -1.26
C ILE A 186 9.82 -4.08 -2.01
N GLU A 187 11.12 -4.00 -1.73
CA GLU A 187 12.10 -4.92 -2.31
CA GLU A 187 12.06 -4.95 -2.34
C GLU A 187 11.77 -6.35 -1.86
N GLN A 188 11.51 -6.53 -0.57
CA GLN A 188 11.12 -7.84 -0.02
C GLN A 188 9.84 -8.41 -0.68
N ALA A 189 8.80 -7.58 -0.82
CA ALA A 189 7.56 -8.05 -1.46
C ALA A 189 7.84 -8.52 -2.90
N ARG A 190 8.72 -7.80 -3.57
CA ARG A 190 9.18 -8.09 -4.93
C ARG A 190 9.80 -9.49 -5.00
N LYS A 191 10.69 -9.79 -4.06
CA LYS A 191 11.28 -11.13 -3.95
C LYS A 191 10.24 -12.19 -3.62
N TYR A 192 9.22 -11.82 -2.85
CA TYR A 192 8.15 -12.76 -2.55
C TYR A 192 7.45 -13.17 -3.84
N TRP A 193 7.07 -12.17 -4.63
CA TRP A 193 6.35 -12.41 -5.86
C TRP A 193 7.18 -13.08 -6.95
N LYS A 194 8.50 -12.86 -6.97
CA LYS A 194 9.41 -13.53 -7.95
C LYS A 194 9.49 -15.01 -7.69
N GLY A 195 9.34 -15.40 -6.44
CA GLY A 195 9.27 -16.80 -6.08
C GLY A 195 10.57 -17.38 -5.56
N ASN A 196 10.44 -18.44 -4.78
CA ASN A 196 11.55 -19.20 -4.25
C ASN A 196 12.04 -20.18 -5.30
N ASN A 199 13.18 -22.62 -1.78
CA ASN A 199 12.09 -23.34 -2.44
C ASN A 199 11.08 -23.89 -1.43
N GLU A 200 11.42 -25.00 -0.80
CA GLU A 200 10.95 -25.30 0.56
C GLU A 200 9.55 -25.88 0.53
N LEU A 201 8.63 -25.26 1.28
CA LEU A 201 7.29 -25.78 1.41
C LEU A 201 6.25 -24.71 1.13
N PRO A 202 5.75 -24.68 -0.11
CA PRO A 202 4.96 -23.55 -0.59
C PRO A 202 3.61 -23.30 0.09
N GLU A 203 3.27 -22.03 0.16
CA GLU A 203 1.92 -21.63 0.49
C GLU A 203 1.27 -21.23 -0.84
N LEU A 204 0.32 -22.03 -1.30
CA LEU A 204 -0.36 -21.75 -2.57
C LEU A 204 -1.48 -20.70 -2.43
N LEU A 205 -1.39 -19.59 -3.17
CA LEU A 205 -2.53 -18.68 -3.31
C LEU A 205 -3.39 -19.19 -4.45
N ILE A 206 -4.71 -19.27 -4.23
CA ILE A 206 -5.64 -19.68 -5.27
C ILE A 206 -6.84 -18.74 -5.33
N ASN A 207 -7.28 -18.42 -6.56
CA ASN A 207 -8.50 -17.66 -6.78
C ASN A 207 -9.36 -18.26 -7.92
N GLY A 208 -10.49 -17.62 -8.21
CA GLY A 208 -11.43 -18.10 -9.22
C GLY A 208 -12.52 -18.95 -8.59
N GLU A 209 -13.00 -19.96 -9.29
CA GLU A 209 -14.03 -20.83 -8.73
CA GLU A 209 -14.04 -20.83 -8.74
C GLU A 209 -13.46 -22.12 -8.15
N ILE A 210 -13.70 -22.31 -6.87
CA ILE A 210 -13.14 -23.42 -6.11
C ILE A 210 -14.22 -24.36 -5.60
N GLU A 211 -14.07 -25.64 -5.91
CA GLU A 211 -15.01 -26.66 -5.48
C GLU A 211 -14.33 -27.70 -4.59
N VAL A 212 -15.00 -28.09 -3.52
CA VAL A 212 -14.52 -29.17 -2.68
C VAL A 212 -14.95 -30.47 -3.36
N VAL A 213 -13.98 -31.22 -3.88
CA VAL A 213 -14.29 -32.45 -4.59
C VAL A 213 -14.12 -33.70 -3.74
N GLU A 214 -13.34 -33.56 -2.67
CA GLU A 214 -13.07 -34.70 -1.80
C GLU A 214 -12.66 -34.25 -0.40
N ILE A 215 -13.18 -34.96 0.60
CA ILE A 215 -12.73 -34.78 1.98
C ILE A 215 -11.77 -35.92 2.23
N ILE A 216 -10.46 -35.63 2.18
CA ILE A 216 -9.46 -36.68 2.36
CA ILE A 216 -9.44 -36.67 2.37
C ILE A 216 -9.50 -37.26 3.77
N ASP A 217 -9.56 -36.39 4.77
CA ASP A 217 -9.68 -36.88 6.15
C ASP A 217 -10.43 -35.90 7.05
N ASP A 218 -11.32 -36.44 7.86
CA ASP A 218 -12.19 -35.63 8.70
C ASP A 218 -11.82 -35.79 10.18
N PHE A 219 -10.88 -34.98 10.65
CA PHE A 219 -10.46 -35.03 12.05
C PHE A 219 -11.55 -34.52 12.98
N HIS B 4 -4.59 -6.62 -21.31
CA HIS B 4 -5.65 -5.67 -21.78
C HIS B 4 -5.34 -5.21 -23.21
N HIS B 5 -6.28 -4.49 -23.83
CA HIS B 5 -6.12 -4.10 -25.21
C HIS B 5 -6.07 -2.60 -25.48
N HIS B 6 -5.30 -2.23 -26.50
CA HIS B 6 -5.13 -0.85 -26.89
C HIS B 6 -5.21 -0.72 -28.40
N HIS B 7 -5.63 0.45 -28.86
CA HIS B 7 -5.80 0.70 -30.29
C HIS B 7 -4.47 1.04 -30.95
N SER B 8 -4.19 0.37 -32.07
CA SER B 8 -3.02 0.68 -32.90
CA SER B 8 -3.03 0.71 -32.87
C SER B 8 -3.46 1.55 -34.07
N SER B 9 -2.65 2.54 -34.43
CA SER B 9 -3.01 3.40 -35.56
C SER B 9 -2.69 2.74 -36.90
N GLY B 10 -3.60 2.89 -37.87
CA GLY B 10 -3.44 2.29 -39.19
C GLY B 10 -2.09 2.59 -39.81
N VAL B 11 -1.63 3.82 -39.62
CA VAL B 11 -0.35 4.28 -40.12
C VAL B 11 0.79 3.35 -39.70
N ASP B 12 0.73 2.80 -38.48
CA ASP B 12 1.79 1.91 -37.97
C ASP B 12 1.73 0.45 -38.45
N LEU B 13 0.64 0.07 -39.09
CA LEU B 13 0.48 -1.31 -39.56
C LEU B 13 1.34 -1.62 -40.78
N GLY B 14 2.06 -2.73 -40.73
CA GLY B 14 2.87 -3.13 -41.86
C GLY B 14 4.33 -2.80 -41.64
N THR B 15 4.62 -1.87 -40.73
CA THR B 15 5.98 -1.53 -40.39
C THR B 15 6.48 -2.69 -39.54
N GLU B 16 7.78 -2.92 -39.51
CA GLU B 16 8.27 -4.09 -38.79
C GLU B 16 9.18 -3.71 -37.64
N ASN B 17 8.97 -2.50 -37.13
CA ASN B 17 9.67 -2.05 -35.95
C ASN B 17 8.99 -2.55 -34.66
N LEU B 18 9.74 -2.61 -33.56
CA LEU B 18 9.23 -3.14 -32.29
C LEU B 18 8.59 -2.06 -31.41
N TYR B 19 9.35 -1.01 -31.12
CA TYR B 19 8.84 0.08 -30.32
C TYR B 19 7.98 1.05 -31.15
N PHE B 20 6.67 0.84 -31.09
CA PHE B 20 5.70 1.71 -31.75
C PHE B 20 4.75 2.16 -30.66
N GLN B 21 5.30 2.72 -29.58
CA GLN B 21 4.46 3.06 -28.44
C GLN B 21 3.64 4.39 -28.51
N SER B 22 4.17 5.50 -28.00
CA SER B 22 3.45 6.81 -28.06
C SER B 22 1.93 6.72 -27.78
N ALA B 24 0.37 9.56 -27.20
CA ALA B 24 0.13 10.73 -28.05
C ALA B 24 -1.31 11.17 -27.91
N MSE B 25 -2.22 10.22 -28.13
CA MSE B 25 -3.64 10.46 -28.04
C MSE B 25 -4.04 10.80 -26.60
O MSE B 25 -5.03 11.49 -26.37
CB MSE B 25 -4.38 9.21 -28.54
CG MSE B 25 -5.54 9.49 -29.48
SE MSE B 25 -5.24 11.01 -30.71
CE MSE B 25 -6.30 12.44 -29.76
N ASN B 26 -3.21 10.37 -25.65
CA ASN B 26 -3.44 10.61 -24.23
C ASN B 26 -2.65 11.77 -23.61
N GLU B 27 -1.68 12.33 -24.33
CA GLU B 27 -0.88 13.50 -23.93
CA GLU B 27 -0.95 13.44 -23.78
C GLU B 27 -1.78 14.72 -23.81
N THR B 28 -1.55 15.55 -22.79
CA THR B 28 -2.06 16.91 -22.82
C THR B 28 -0.93 17.93 -22.74
N GLU B 29 -1.22 19.15 -23.16
CA GLU B 29 -0.27 20.23 -23.07
C GLU B 29 -1.01 21.33 -22.37
N PHE B 30 -0.45 21.83 -21.29
CA PHE B 30 -1.14 22.80 -20.47
C PHE B 30 -0.13 23.54 -19.61
N TYR B 31 -0.53 24.70 -19.11
CA TYR B 31 0.27 25.43 -18.15
C TYR B 31 -0.11 25.04 -16.72
N ALA B 32 0.88 24.99 -15.82
CA ALA B 32 0.61 24.83 -14.40
C ALA B 32 1.48 25.80 -13.59
N TYR B 33 1.21 25.91 -12.29
CA TYR B 33 1.92 26.81 -11.40
C TYR B 33 2.55 26.06 -10.23
N HIS B 34 3.79 26.40 -9.91
CA HIS B 34 4.57 25.62 -8.97
C HIS B 34 5.28 26.47 -7.90
N ILE B 35 5.12 26.04 -6.64
CA ILE B 35 5.76 26.64 -5.49
C ILE B 35 7.12 25.98 -5.32
N VAL B 36 8.18 26.77 -5.41
CA VAL B 36 9.55 26.27 -5.25
C VAL B 36 10.02 26.53 -3.81
N THR B 37 10.54 25.48 -3.16
CA THR B 37 10.96 25.55 -1.77
C THR B 37 12.36 24.95 -1.60
N ARG B 38 12.72 24.03 -2.50
CA ARG B 38 14.00 23.33 -2.40
C ARG B 38 15.17 24.15 -2.96
N LYS B 39 15.18 24.38 -4.28
CA LYS B 39 16.20 25.22 -4.89
C LYS B 39 15.62 25.97 -6.08
N LYS B 40 16.05 27.22 -6.24
CA LYS B 40 15.51 28.09 -7.29
C LYS B 40 15.66 27.51 -8.68
N MSE B 41 14.64 27.70 -9.48
CA MSE B 41 14.62 27.20 -10.84
C MSE B 41 14.81 28.36 -11.80
O MSE B 41 14.79 29.51 -11.39
CB MSE B 41 13.28 26.51 -11.12
CG MSE B 41 12.83 25.60 -10.01
SE MSE B 41 11.32 24.55 -10.61
CE MSE B 41 12.36 23.44 -11.89
N HIS B 42 15.02 28.06 -13.09
CA HIS B 42 15.28 29.10 -14.06
C HIS B 42 14.51 28.90 -15.34
N ILE B 43 14.41 29.97 -16.12
CA ILE B 43 13.68 29.97 -17.38
C ILE B 43 14.21 28.94 -18.38
N GLY B 44 13.33 28.09 -18.89
CA GLY B 44 13.70 27.08 -19.89
C GLY B 44 14.23 25.79 -19.32
N GLN B 45 14.22 25.68 -18.00
CA GLN B 45 14.67 24.46 -17.32
C GLN B 45 13.69 23.31 -17.54
N MSE B 46 14.24 22.12 -17.83
CA MSE B 46 13.41 20.92 -18.00
C MSE B 46 13.50 19.95 -16.82
O MSE B 46 14.57 19.72 -16.27
CB MSE B 46 13.71 20.19 -19.31
CG MSE B 46 12.65 20.35 -20.37
SE MSE B 46 12.75 21.98 -21.45
CE MSE B 46 14.35 21.55 -22.55
N ILE B 47 12.37 19.36 -16.46
CA ILE B 47 12.29 18.36 -15.40
C ILE B 47 11.66 17.08 -15.97
N PRO B 48 12.25 15.93 -15.67
CA PRO B 48 11.65 14.65 -16.03
C PRO B 48 10.88 14.02 -14.86
N PHE B 49 9.76 13.38 -15.14
CA PHE B 49 8.98 12.70 -14.12
C PHE B 49 9.59 11.34 -13.71
N ASN B 52 8.55 6.68 -14.09
CA ASN B 52 9.56 5.70 -13.70
C ASN B 52 10.55 6.26 -12.65
N GLN B 53 10.34 7.52 -12.24
CA GLN B 53 11.17 8.20 -11.25
C GLN B 53 10.38 8.50 -9.98
N HIS B 54 11.01 8.24 -8.84
CA HIS B 54 10.41 8.58 -7.56
C HIS B 54 10.66 10.03 -7.20
N ASN B 55 9.72 10.59 -6.44
CA ASN B 55 9.87 11.97 -6.05
C ASN B 55 10.33 12.11 -4.61
N THR B 56 10.39 13.34 -4.15
CA THR B 56 10.85 13.71 -2.83
C THR B 56 9.98 13.16 -1.70
N LEU B 57 8.68 13.13 -1.92
CA LEU B 57 7.73 12.56 -0.98
C LEU B 57 7.97 11.05 -0.77
N TYR B 58 8.18 10.33 -1.86
CA TYR B 58 8.60 8.94 -1.76
C TYR B 58 9.93 8.84 -0.97
N HIS B 59 10.91 9.67 -1.31
CA HIS B 59 12.14 9.59 -0.55
C HIS B 59 11.98 9.81 0.97
N PHE B 60 11.30 10.89 1.36
CA PHE B 60 11.16 11.18 2.77
C PHE B 60 10.24 10.24 3.54
N PHE B 61 9.23 9.68 2.89
CA PHE B 61 8.30 8.79 3.59
C PHE B 61 8.66 7.33 3.46
N PHE B 62 9.33 6.96 2.37
N PHE B 62 9.35 6.97 2.38
CA PHE B 62 9.59 5.55 2.10
CA PHE B 62 9.58 5.56 2.09
C PHE B 62 11.02 5.11 2.34
C PHE B 62 11.02 5.09 2.26
N GLU B 63 11.98 5.99 2.03
CA GLU B 63 13.40 5.65 2.13
C GLU B 63 14.08 6.06 3.44
N ARG B 64 13.91 7.31 3.80
CA ARG B 64 14.55 7.88 4.97
C ARG B 64 14.10 7.18 6.25
N GLU B 65 15.00 7.09 7.21
CA GLU B 65 14.65 6.59 8.52
C GLU B 65 15.47 7.26 9.59
N GLN B 66 14.97 7.21 10.82
CA GLN B 66 15.69 7.71 11.97
C GLN B 66 15.77 6.63 13.05
N LEU B 67 16.99 6.34 13.49
CA LEU B 67 17.24 5.29 14.45
C LEU B 67 17.74 5.92 15.73
N ASN B 68 17.76 5.16 16.82
CA ASN B 68 18.37 5.68 18.05
C ASN B 68 19.89 5.45 18.00
N ALA B 69 20.61 5.80 19.05
CA ALA B 69 22.08 5.68 19.06
C ALA B 69 22.53 4.24 18.98
N ASN B 70 21.68 3.33 19.45
CA ASN B 70 21.97 1.92 19.41
C ASN B 70 21.59 1.26 18.09
N GLY B 71 21.08 2.05 17.14
CA GLY B 71 20.70 1.55 15.82
C GLY B 71 19.32 0.90 15.77
N GLU B 72 18.47 1.22 16.73
CA GLU B 72 17.13 0.60 16.81
C GLU B 72 16.08 1.49 16.18
N ASP B 73 15.11 0.87 15.51
CA ASP B 73 14.01 1.62 14.92
C ASP B 73 12.86 1.70 15.93
N GLY B 74 11.82 2.48 15.60
CA GLY B 74 10.70 2.73 16.48
C GLY B 74 10.02 1.47 16.98
N ILE B 75 9.84 0.51 16.09
CA ILE B 75 9.22 -0.77 16.47
C ILE B 75 10.02 -1.60 17.47
N GLN B 76 11.32 -1.68 17.26
CA GLN B 76 12.15 -2.42 18.20
C GLN B 76 12.16 -1.74 19.56
N ILE B 77 12.23 -0.43 19.57
CA ILE B 77 12.23 0.31 20.82
C ILE B 77 10.91 0.11 21.56
N LEU B 78 9.80 0.20 20.83
CA LEU B 78 8.49 -0.02 21.41
C LEU B 78 8.42 -1.35 22.10
N ASN B 79 8.77 -2.41 21.37
CA ASN B 79 8.69 -3.76 21.91
C ASN B 79 9.60 -4.06 23.08
N ASN B 80 10.86 -3.61 23.00
CA ASN B 80 11.76 -3.84 24.11
C ASN B 80 11.56 -2.97 25.33
N HIS B 81 10.65 -1.99 25.23
CA HIS B 81 10.24 -1.21 26.42
C HIS B 81 8.86 -1.57 26.97
N TYR B 82 8.13 -2.46 26.31
CA TYR B 82 6.82 -2.90 26.78
C TYR B 82 7.01 -4.04 27.77
N LYS B 83 6.91 -3.72 29.05
CA LYS B 83 7.18 -4.66 30.12
C LYS B 83 6.14 -4.52 31.25
N ASN B 84 5.77 -5.66 31.84
CA ASN B 84 4.79 -5.73 32.93
C ASN B 84 3.71 -4.62 32.91
N ASP B 85 2.99 -4.51 31.79
CA ASP B 85 1.89 -3.54 31.62
C ASP B 85 2.28 -2.06 31.54
N GLU B 86 3.54 -1.79 31.25
CA GLU B 86 4.01 -0.43 31.15
C GLU B 86 4.80 -0.24 29.87
N LEU B 87 4.70 0.96 29.33
CA LEU B 87 5.52 1.37 28.23
C LEU B 87 6.12 2.71 28.63
N HIS B 88 7.28 2.68 29.25
CA HIS B 88 7.92 3.92 29.70
C HIS B 88 9.17 4.27 28.88
N ILE B 89 9.02 5.23 27.97
CA ILE B 89 10.10 5.61 27.08
C ILE B 89 10.48 7.07 27.31
N ASN B 90 11.77 7.36 27.27
CA ASN B 90 12.26 8.69 27.57
C ASN B 90 13.15 9.21 26.45
N ASN B 91 13.31 10.54 26.44
CA ASN B 91 14.34 11.20 25.65
C ASN B 91 14.38 10.86 24.17
N GLU B 92 15.55 10.41 23.72
CA GLU B 92 15.80 10.07 22.32
CA GLU B 92 15.79 10.06 22.32
C GLU B 92 14.97 8.85 21.89
N ASN B 93 14.84 7.85 22.78
CA ASN B 93 14.00 6.71 22.45
C ASN B 93 12.57 7.16 22.15
N ALA B 94 12.02 8.10 22.93
CA ALA B 94 10.67 8.61 22.70
C ALA B 94 10.52 9.37 21.37
N LYS B 95 11.47 10.27 21.10
CA LYS B 95 11.55 10.98 19.84
C LYS B 95 11.60 10.03 18.65
N VAL B 96 12.35 8.94 18.77
CA VAL B 96 12.46 8.00 17.64
C VAL B 96 11.15 7.25 17.38
N VAL B 97 10.45 6.86 18.44
CA VAL B 97 9.19 6.13 18.31
C VAL B 97 8.13 7.04 17.70
N ILE B 98 8.16 8.31 18.11
CA ILE B 98 7.19 9.26 17.66
C ILE B 98 7.41 9.65 16.20
N SER B 99 8.66 9.93 15.83
CA SER B 99 8.95 10.21 14.46
C SER B 99 8.69 9.00 13.59
N TYR B 100 8.90 7.78 14.12
CA TYR B 100 8.61 6.55 13.38
C TYR B 100 7.12 6.41 13.07
N MSE B 101 6.29 6.55 14.11
CA MSE B 101 4.84 6.55 13.98
C MSE B 101 4.38 7.66 13.02
O MSE B 101 3.55 7.41 12.14
CB MSE B 101 4.21 6.73 15.36
CG MSE B 101 2.76 6.29 15.47
SE MSE B 101 2.43 4.39 14.88
CE MSE B 101 1.23 3.86 16.36
N ASP B 102 4.96 8.86 13.16
CA ASP B 102 4.64 9.98 12.27
C ASP B 102 4.89 9.71 10.79
N GLN B 103 6.10 9.24 10.47
CA GLN B 103 6.46 8.95 9.10
C GLN B 103 5.68 7.75 8.55
N THR B 104 5.48 6.74 9.39
CA THR B 104 4.86 5.50 8.99
C THR B 104 3.39 5.59 8.65
N ILE B 105 2.63 6.39 9.40
CA ILE B 105 1.23 6.63 9.09
C ILE B 105 1.08 7.43 7.78
N ARG B 106 2.06 8.27 7.47
CA ARG B 106 2.14 8.99 6.19
C ARG B 106 2.55 8.06 5.02
N ALA B 107 3.48 7.15 5.27
CA ALA B 107 3.87 6.21 4.25
C ALA B 107 2.70 5.27 3.95
N ALA B 108 1.96 4.91 4.99
CA ALA B 108 0.82 4.01 4.86
C ALA B 108 -0.28 4.69 4.05
N ARG B 109 -0.50 5.96 4.31
CA ARG B 109 -1.47 6.75 3.55
C ARG B 109 -1.10 6.73 2.07
N GLU B 110 0.18 6.97 1.78
CA GLU B 110 0.63 7.01 0.41
C GLU B 110 0.60 5.66 -0.27
N THR B 111 0.81 4.59 0.51
CA THR B 111 0.80 3.23 -0.03
C THR B 111 -0.63 2.79 -0.38
N ILE B 112 -1.55 3.11 0.52
CA ILE B 112 -2.98 2.78 0.34
C ILE B 112 -3.53 3.55 -0.89
N VAL B 113 -3.21 4.83 -0.97
CA VAL B 113 -3.63 5.67 -2.07
C VAL B 113 -3.05 5.20 -3.41
N GLU B 114 -1.81 4.71 -3.39
CA GLU B 114 -1.17 4.18 -4.60
C GLU B 114 -1.84 2.87 -5.00
N MSE B 115 -2.08 2.00 -4.03
CA MSE B 115 -2.73 0.74 -4.28
C MSE B 115 -4.09 0.97 -4.95
O MSE B 115 -4.42 0.33 -5.96
CB MSE B 115 -2.89 -0.05 -2.98
CG MSE B 115 -3.63 -1.38 -3.15
SE MSE B 115 -4.18 -2.19 -1.40
CE MSE B 115 -5.67 -0.90 -1.03
N VAL B 116 -4.88 1.87 -4.38
CA VAL B 116 -6.20 2.17 -4.93
C VAL B 116 -6.08 2.77 -6.35
N ARG B 117 -5.08 3.62 -6.57
CA ARG B 117 -4.84 4.16 -7.89
C ARG B 117 -4.59 3.03 -8.88
N LEU B 118 -3.78 2.06 -8.45
CA LEU B 118 -3.43 0.96 -9.31
C LEU B 118 -4.67 0.08 -9.60
N GLN B 119 -5.53 -0.06 -8.59
CA GLN B 119 -6.78 -0.83 -8.75
C GLN B 119 -7.81 -0.18 -9.67
N GLU B 120 -8.05 1.11 -9.52
CA GLU B 120 -9.20 1.72 -10.15
C GLU B 120 -8.89 2.86 -11.11
N PHE B 121 -7.79 3.58 -10.88
CA PHE B 121 -7.44 4.74 -11.71
C PHE B 121 -5.99 4.67 -12.22
N PRO B 122 -5.62 3.57 -12.87
CA PRO B 122 -4.22 3.37 -13.28
C PRO B 122 -3.71 4.41 -14.29
N GLU B 123 -4.61 5.23 -14.79
CA GLU B 123 -4.30 6.25 -15.79
C GLU B 123 -3.79 7.57 -15.20
N TYR B 124 -4.18 7.87 -13.95
CA TYR B 124 -3.74 9.10 -13.29
C TYR B 124 -2.29 8.97 -12.85
N PRO B 125 -1.62 10.12 -12.72
CA PRO B 125 -0.25 10.14 -12.18
C PRO B 125 -0.20 9.63 -10.71
N SER B 126 0.92 8.99 -10.35
CA SER B 126 1.16 8.50 -9.02
C SER B 126 1.65 9.62 -8.10
N ARG B 127 1.16 9.66 -6.86
CA ARG B 127 1.66 10.65 -5.88
C ARG B 127 3.11 10.40 -5.49
N LEU B 128 3.66 9.28 -5.93
CA LEU B 128 5.03 8.86 -5.57
C LEU B 128 6.05 9.17 -6.66
N SER B 129 5.59 9.66 -7.81
CA SER B 129 6.56 10.10 -8.82
C SER B 129 6.31 11.47 -9.42
N CYS B 130 5.05 11.91 -9.36
CA CYS B 130 4.60 13.19 -9.91
C CYS B 130 5.28 14.44 -9.30
N LEU B 131 4.94 15.58 -9.87
CA LEU B 131 5.24 16.88 -9.33
C LEU B 131 3.88 17.44 -8.89
N TYR B 132 3.89 18.31 -7.88
CA TYR B 132 2.67 18.94 -7.40
C TYR B 132 2.58 20.39 -7.86
N ALA B 133 1.39 20.80 -8.27
CA ALA B 133 1.20 22.10 -8.88
C ALA B 133 -0.13 22.71 -8.53
N ALA B 134 -0.23 24.01 -8.80
CA ALA B 134 -1.48 24.74 -8.68
C ALA B 134 -2.05 24.97 -10.07
N LYS B 135 -3.37 25.00 -10.15
CA LYS B 135 -4.08 25.14 -11.42
C LYS B 135 -3.95 26.54 -12.00
N SER B 136 -3.96 27.54 -11.14
CA SER B 136 -3.87 28.93 -11.59
C SER B 136 -2.87 29.67 -10.73
N TYR B 137 -2.45 30.84 -11.20
CA TYR B 137 -1.51 31.65 -10.45
C TYR B 137 -2.17 32.12 -9.16
N GLU B 138 -3.45 32.48 -9.26
CA GLU B 138 -4.29 32.81 -8.10
C GLU B 138 -4.26 31.68 -7.05
N ASP B 139 -4.42 30.44 -7.50
CA ASP B 139 -4.34 29.29 -6.58
C ASP B 139 -2.95 29.12 -5.96
N ALA B 140 -1.91 29.37 -6.75
CA ALA B 140 -0.54 29.28 -6.27
C ALA B 140 -0.28 30.24 -5.11
N LEU B 141 -0.91 31.41 -5.17
CA LEU B 141 -0.79 32.45 -4.14
C LEU B 141 -1.40 32.03 -2.82
N LYS B 142 -2.50 31.31 -2.88
CA LYS B 142 -3.16 30.79 -1.67
C LYS B 142 -2.35 29.64 -1.08
N TRP B 143 -1.80 28.78 -1.92
CA TRP B 143 -0.89 27.75 -1.42
C TRP B 143 0.32 28.41 -0.76
N LYS B 144 0.80 29.51 -1.36
CA LYS B 144 1.94 30.23 -0.80
C LYS B 144 1.65 30.74 0.61
N ALA B 145 0.54 31.44 0.78
CA ALA B 145 0.19 31.98 2.10
C ALA B 145 0.10 30.84 3.11
N LEU B 146 -0.38 29.69 2.65
CA LEU B 146 -0.45 28.50 3.51
C LEU B 146 0.96 28.05 3.95
N PHE B 147 1.89 28.01 3.00
CA PHE B 147 3.29 27.68 3.28
C PHE B 147 3.97 28.64 4.25
N ASP B 148 3.72 29.94 4.08
CA ASP B 148 4.27 30.95 4.96
C ASP B 148 3.79 30.76 6.40
N SER B 149 2.51 30.43 6.54
CA SER B 149 1.90 30.24 7.86
C SER B 149 2.55 29.09 8.62
N TYR B 150 2.92 28.06 7.88
CA TYR B 150 3.56 26.87 8.43
C TYR B 150 5.08 26.93 8.36
N ASN B 151 5.61 28.15 8.30
CA ASN B 151 7.06 28.36 8.39
C ASN B 151 7.91 27.54 7.41
N ARG B 152 7.46 27.48 6.16
CA ARG B 152 8.24 26.85 5.08
C ARG B 152 8.34 27.88 3.98
N GLU B 153 9.54 28.44 3.82
CA GLU B 153 9.73 29.56 2.91
C GLU B 153 9.64 29.15 1.46
N VAL B 154 8.85 29.89 0.70
CA VAL B 154 8.75 29.71 -0.73
C VAL B 154 9.76 30.62 -1.41
N LEU B 155 10.57 30.05 -2.29
CA LEU B 155 11.61 30.80 -2.97
C LEU B 155 11.10 31.44 -4.26
N GLN B 156 10.11 30.81 -4.87
CA GLN B 156 9.61 31.21 -6.19
C GLN B 156 8.23 30.64 -6.47
N ILE B 157 7.47 31.34 -7.32
CA ILE B 157 6.29 30.75 -7.96
C ILE B 157 6.59 30.83 -9.43
N VAL B 158 6.63 29.66 -10.08
CA VAL B 158 7.00 29.58 -11.49
C VAL B 158 5.88 29.01 -12.34
N LYS B 159 5.89 29.36 -13.62
CA LYS B 159 4.93 28.83 -14.58
C LYS B 159 5.58 27.64 -15.25
N LEU B 160 4.83 26.55 -15.37
CA LEU B 160 5.35 25.36 -16.01
C LEU B 160 4.53 25.09 -17.23
N ARG B 161 5.19 24.59 -18.28
CA ARG B 161 4.47 24.04 -19.38
C ARG B 161 4.67 22.54 -19.29
N VAL B 162 3.56 21.80 -19.30
CA VAL B 162 3.61 20.35 -19.20
C VAL B 162 3.18 19.68 -20.50
N ILE B 163 3.96 18.70 -20.95
CA ILE B 163 3.47 17.72 -21.89
C ILE B 163 3.39 16.32 -21.26
N GLY B 164 2.18 15.82 -21.11
CA GLY B 164 1.91 14.74 -20.17
C GLY B 164 0.46 14.71 -19.72
N SER B 165 0.27 14.52 -18.42
CA SER B 165 -1.07 14.52 -17.85
C SER B 165 -1.12 15.06 -16.42
N SER B 166 -2.33 15.13 -15.89
CA SER B 166 -2.55 15.66 -14.55
C SER B 166 -3.81 15.07 -13.93
N PHE B 167 -3.95 15.30 -12.64
CA PHE B 167 -5.14 14.95 -11.91
C PHE B 167 -5.32 16.10 -10.95
N GLU B 168 -6.57 16.54 -10.82
CA GLU B 168 -6.91 17.63 -9.95
C GLU B 168 -7.53 17.04 -8.70
N GLY B 169 -6.76 17.05 -7.61
CA GLY B 169 -7.19 16.38 -6.40
C GLY B 169 -7.52 17.33 -5.28
N ASP B 170 -8.33 16.82 -4.35
CA ASP B 170 -8.67 17.54 -3.14
C ASP B 170 -8.01 16.80 -1.95
N GLY B 171 -6.91 17.33 -1.46
CA GLY B 171 -6.15 16.70 -0.40
C GLY B 171 -6.91 16.43 0.88
N ASN B 172 -7.96 17.20 1.17
CA ASN B 172 -8.77 16.93 2.36
CA ASN B 172 -8.82 16.96 2.33
C ASN B 172 -9.40 15.55 2.28
N LEU B 173 -9.44 14.97 1.07
CA LEU B 173 -10.06 13.65 0.89
C LEU B 173 -9.12 12.43 1.08
N LEU B 174 -7.81 12.68 1.09
CA LEU B 174 -6.82 11.64 1.39
C LEU B 174 -7.06 11.06 2.80
N PRO B 175 -6.65 9.82 3.04
CA PRO B 175 -6.65 9.28 4.42
C PRO B 175 -5.87 10.23 5.34
N LYS B 176 -6.26 10.31 6.60
CA LYS B 176 -5.62 11.20 7.54
C LYS B 176 -4.52 10.50 8.29
N GLU B 177 -3.85 11.25 9.16
CA GLU B 177 -2.79 10.71 9.97
C GLU B 177 -3.32 10.21 11.31
N ASP B 178 -4.43 9.47 11.24
CA ASP B 178 -5.06 8.91 12.41
C ASP B 178 -5.03 7.38 12.36
N GLY B 179 -5.47 6.74 13.43
CA GLY B 179 -5.35 5.29 13.56
C GLY B 179 -6.58 4.49 13.18
N ILE B 180 -7.40 4.98 12.26
CA ILE B 180 -8.54 4.20 11.79
C ILE B 180 -8.07 2.96 10.98
N PRO B 181 -8.94 1.95 10.89
CA PRO B 181 -8.64 0.72 10.14
C PRO B 181 -8.34 1.02 8.67
N PHE B 182 -7.40 0.27 8.10
CA PHE B 182 -7.01 0.41 6.69
C PHE B 182 -8.18 0.34 5.73
N SER B 183 -9.18 -0.49 6.00
CA SER B 183 -10.34 -0.57 5.11
C SER B 183 -11.07 0.79 4.99
N GLN B 184 -11.09 1.55 6.09
CA GLN B 184 -11.66 2.87 6.06
C GLN B 184 -10.76 3.86 5.32
N LYS B 185 -9.45 3.69 5.46
CA LYS B 185 -8.49 4.50 4.72
C LYS B 185 -8.57 4.22 3.20
N ILE B 186 -8.84 2.97 2.83
CA ILE B 186 -9.07 2.61 1.43
C ILE B 186 -10.33 3.29 0.85
N GLU B 187 -11.42 3.34 1.61
CA GLU B 187 -12.62 4.07 1.18
C GLU B 187 -12.34 5.55 0.93
N GLN B 188 -11.57 6.18 1.82
CA GLN B 188 -11.15 7.57 1.69
C GLN B 188 -10.30 7.80 0.45
N ALA B 189 -9.38 6.87 0.17
CA ALA B 189 -8.56 6.94 -1.04
C ALA B 189 -9.42 6.90 -2.32
N ARG B 190 -10.50 6.10 -2.31
CA ARG B 190 -11.45 6.05 -3.43
C ARG B 190 -12.14 7.38 -3.64
N LYS B 191 -12.60 7.99 -2.55
CA LYS B 191 -13.20 9.32 -2.61
C LYS B 191 -12.19 10.33 -3.17
N TYR B 192 -10.95 10.24 -2.73
CA TYR B 192 -9.91 11.13 -3.24
C TYR B 192 -9.77 11.06 -4.75
N TRP B 193 -9.57 9.85 -5.27
CA TRP B 193 -9.36 9.66 -6.71
C TRP B 193 -10.57 10.00 -7.59
N LYS B 194 -11.76 9.97 -7.00
CA LYS B 194 -12.97 10.38 -7.70
C LYS B 194 -13.10 11.90 -7.73
N GLY B 195 -12.23 12.58 -7.00
CA GLY B 195 -12.65 13.61 -6.07
C GLY B 195 -12.94 14.93 -6.76
N ASN B 196 -14.18 15.38 -6.67
CA ASN B 196 -14.57 16.69 -7.19
C ASN B 196 -13.67 17.80 -6.66
N GLU B 200 -12.77 23.21 -4.32
CA GLU B 200 -11.89 23.64 -3.25
C GLU B 200 -10.64 24.31 -3.83
N LEU B 201 -9.51 24.18 -3.12
CA LEU B 201 -8.23 24.67 -3.59
C LEU B 201 -7.49 23.41 -4.05
N PRO B 202 -7.58 23.12 -5.34
CA PRO B 202 -7.01 21.88 -5.87
C PRO B 202 -5.50 21.71 -5.73
N GLU B 203 -5.09 20.47 -5.56
CA GLU B 203 -3.69 20.09 -5.64
C GLU B 203 -3.57 19.24 -6.88
N LEU B 204 -2.87 19.77 -7.89
CA LEU B 204 -2.68 19.08 -9.15
C LEU B 204 -1.52 18.13 -9.07
N LEU B 205 -1.74 16.92 -9.55
CA LEU B 205 -0.66 15.94 -9.72
C LEU B 205 -0.28 16.07 -11.17
N ILE B 206 1.01 16.18 -11.47
CA ILE B 206 1.42 16.30 -12.88
C ILE B 206 2.61 15.39 -13.16
N ASN B 207 2.58 14.70 -14.30
CA ASN B 207 3.74 13.99 -14.80
C ASN B 207 3.95 14.23 -16.31
N GLY B 208 5.07 13.75 -16.83
CA GLY B 208 5.41 13.97 -18.24
C GLY B 208 6.61 14.87 -18.36
N GLU B 209 6.68 15.64 -19.43
CA GLU B 209 7.81 16.53 -19.69
C GLU B 209 7.44 17.90 -19.20
N ILE B 210 8.21 18.41 -18.26
CA ILE B 210 7.89 19.65 -17.58
C ILE B 210 8.97 20.68 -17.80
N GLU B 211 8.55 21.87 -18.24
CA GLU B 211 9.47 22.96 -18.55
C GLU B 211 9.06 24.26 -17.84
N VAL B 212 10.04 24.94 -17.25
CA VAL B 212 9.84 26.25 -16.65
C VAL B 212 9.82 27.32 -17.77
N VAL B 213 8.67 27.96 -17.96
CA VAL B 213 8.49 28.96 -19.03
C VAL B 213 8.35 30.38 -18.48
N GLU B 214 8.37 30.52 -17.14
CA GLU B 214 8.29 31.83 -16.52
C GLU B 214 8.51 31.77 -15.01
N ILE B 215 9.32 32.69 -14.50
CA ILE B 215 9.43 32.87 -13.06
C ILE B 215 8.55 34.06 -12.74
N ILE B 216 7.33 33.79 -12.28
CA ILE B 216 6.39 34.84 -11.95
C ILE B 216 6.88 35.60 -10.72
N ASP B 217 7.24 34.87 -9.68
CA ASP B 217 7.75 35.47 -8.44
C ASP B 217 9.08 34.87 -8.04
N ASP B 218 10.09 35.72 -7.88
CA ASP B 218 11.18 35.47 -6.96
C ASP B 218 10.92 36.12 -5.60
N PHE B 219 10.94 35.31 -4.54
CA PHE B 219 10.83 35.81 -3.19
C PHE B 219 12.20 35.78 -2.52
#